data_2LUG
#
_entry.id   2LUG
#
_entity_poly.entity_id   1
_entity_poly.type   'polypeptide(L)'
_entity_poly.pdbx_seq_one_letter_code
;SQHGRTQDENPVVHFFKNIVTPRTPPPSQGKGRGLS
;
_entity_poly.pdbx_strand_id   A
#
# COMPACT_ATOMS: atom_id res chain seq x y z
N SER A 1 5.90 6.05 5.34
CA SER A 1 4.97 4.96 5.61
C SER A 1 4.01 5.32 6.75
N GLN A 2 2.97 4.53 6.90
CA GLN A 2 1.95 4.79 7.92
C GLN A 2 2.16 3.93 9.14
N HIS A 3 1.59 4.35 10.27
CA HIS A 3 1.70 3.61 11.52
C HIS A 3 0.44 2.83 11.83
N GLY A 4 0.60 1.66 12.44
CA GLY A 4 -0.53 0.80 12.78
C GLY A 4 -0.06 -0.56 13.27
N ARG A 5 -0.97 -1.53 13.25
CA ARG A 5 -0.63 -2.89 13.65
C ARG A 5 -0.53 -3.80 12.43
N THR A 6 -0.46 -3.20 11.25
CA THR A 6 -0.42 -3.96 10.00
C THR A 6 0.99 -4.08 9.47
N GLN A 7 1.34 -5.25 8.95
CA GLN A 7 2.68 -5.50 8.45
C GLN A 7 3.01 -4.61 7.26
N ASP A 8 4.24 -4.11 7.22
CA ASP A 8 4.70 -3.31 6.10
C ASP A 8 4.35 -3.98 4.77
N GLU A 9 3.42 -3.37 4.04
CA GLU A 9 2.99 -3.90 2.75
C GLU A 9 4.04 -3.65 1.68
N ASN A 10 4.38 -4.72 0.95
CA ASN A 10 5.32 -4.61 -0.17
C ASN A 10 4.67 -3.96 -1.37
N PRO A 11 5.47 -3.24 -2.16
CA PRO A 11 4.98 -2.61 -3.38
C PRO A 11 4.49 -3.64 -4.38
N VAL A 12 5.05 -4.83 -4.32
CA VAL A 12 4.61 -5.95 -5.14
C VAL A 12 3.22 -6.42 -4.73
N VAL A 13 3.00 -6.52 -3.42
CA VAL A 13 1.69 -6.85 -2.89
C VAL A 13 0.67 -5.77 -3.22
N HIS A 14 1.09 -4.51 -3.14
CA HIS A 14 0.24 -3.39 -3.52
C HIS A 14 -0.21 -3.51 -4.97
N PHE A 15 0.73 -3.84 -5.85
CA PHE A 15 0.44 -4.02 -7.27
C PHE A 15 -0.53 -5.18 -7.48
N PHE A 16 -0.30 -6.27 -6.77
CA PHE A 16 -1.21 -7.42 -6.79
C PHE A 16 -2.62 -6.99 -6.43
N LYS A 17 -2.76 -6.25 -5.34
CA LYS A 17 -4.06 -5.80 -4.88
C LYS A 17 -4.70 -4.84 -5.88
N ASN A 18 -3.87 -4.07 -6.57
CA ASN A 18 -4.34 -3.20 -7.64
C ASN A 18 -5.00 -4.01 -8.75
N ILE A 19 -4.47 -5.21 -9.00
CA ILE A 19 -4.98 -6.05 -10.07
C ILE A 19 -6.29 -6.74 -9.68
N VAL A 20 -6.34 -7.26 -8.46
CA VAL A 20 -7.42 -8.15 -8.06
C VAL A 20 -8.49 -7.38 -7.31
N THR A 21 -8.16 -6.19 -6.85
CA THR A 21 -9.10 -5.36 -6.10
C THR A 21 -9.21 -3.96 -6.71
N PRO A 22 -10.41 -3.60 -7.13
CA PRO A 22 -10.64 -2.32 -7.78
C PRO A 22 -10.55 -1.16 -6.78
N ARG A 23 -10.80 -1.47 -5.51
CA ARG A 23 -10.69 -0.48 -4.45
C ARG A 23 -9.24 -0.23 -4.09
N THR A 24 -8.91 1.04 -3.85
CA THR A 24 -7.53 1.43 -3.55
C THR A 24 -6.99 0.66 -2.34
N PRO A 25 -5.94 -0.12 -2.58
CA PRO A 25 -5.31 -0.89 -1.51
C PRO A 25 -4.78 0.03 -0.42
N PRO A 26 -4.63 -0.52 0.79
CA PRO A 26 -4.14 0.25 1.92
C PRO A 26 -2.68 0.65 1.73
N PRO A 27 -2.28 1.73 2.39
CA PRO A 27 -0.93 2.24 2.27
C PRO A 27 0.07 1.34 2.99
N SER A 28 1.34 1.43 2.59
CA SER A 28 2.40 0.66 3.23
C SER A 28 2.65 1.12 4.66
N GLN A 29 2.95 0.19 5.54
CA GLN A 29 3.15 0.49 6.95
C GLN A 29 4.63 0.47 7.32
N GLY A 30 4.97 1.09 8.45
CA GLY A 30 6.33 1.09 8.95
C GLY A 30 6.83 -0.33 9.21
N LYS A 31 8.13 -0.54 9.01
CA LYS A 31 8.73 -1.85 9.23
C LYS A 31 8.66 -2.24 10.70
N GLY A 32 8.02 -3.38 10.97
CA GLY A 32 7.92 -3.89 12.33
C GLY A 32 6.56 -3.58 12.94
N ARG A 33 5.75 -2.82 12.20
CA ARG A 33 4.41 -2.46 12.66
C ARG A 33 3.50 -3.68 12.73
N GLY A 34 3.77 -4.66 11.87
CA GLY A 34 3.00 -5.91 11.87
C GLY A 34 3.19 -6.69 13.16
N LEU A 35 4.41 -6.65 13.69
CA LEU A 35 4.72 -7.34 14.93
C LEU A 35 4.27 -6.52 16.14
N SER A 36 4.31 -5.20 16.00
CA SER A 36 3.87 -4.30 17.07
C SER A 36 2.41 -4.54 17.41
N SER A 1 -11.85 -0.91 -1.80
CA SER A 1 -10.47 -1.30 -1.55
C SER A 1 -9.59 -0.08 -1.30
N GLN A 2 -9.10 0.06 -0.07
CA GLN A 2 -8.24 1.18 0.30
C GLN A 2 -6.78 0.77 0.27
N HIS A 3 -5.90 1.76 0.16
CA HIS A 3 -4.47 1.51 0.04
C HIS A 3 -3.91 0.89 1.32
N GLY A 4 -3.06 -0.11 1.17
CA GLY A 4 -2.51 -0.82 2.31
C GLY A 4 -1.34 -0.05 2.93
N ARG A 5 -0.57 -0.73 3.76
CA ARG A 5 0.55 -0.10 4.46
C ARG A 5 1.87 -0.37 3.75
N THR A 6 2.62 0.69 3.45
CA THR A 6 3.83 0.57 2.66
C THR A 6 4.98 0.04 3.50
N GLN A 7 4.82 0.10 4.83
CA GLN A 7 5.86 -0.37 5.74
C GLN A 7 5.73 -1.87 5.98
N ASP A 8 4.50 -2.37 6.03
CA ASP A 8 4.26 -3.78 6.30
C ASP A 8 4.10 -4.56 5.01
N GLU A 9 3.54 -3.91 3.99
CA GLU A 9 3.26 -4.58 2.73
C GLU A 9 4.19 -4.10 1.62
N ASN A 10 4.70 -5.04 0.83
CA ASN A 10 5.55 -4.71 -0.30
C ASN A 10 4.77 -3.98 -1.39
N PRO A 11 5.46 -3.11 -2.13
CA PRO A 11 4.86 -2.43 -3.27
C PRO A 11 4.42 -3.42 -4.34
N VAL A 12 5.06 -4.59 -4.35
CA VAL A 12 4.64 -5.68 -5.22
C VAL A 12 3.30 -6.26 -4.78
N VAL A 13 3.11 -6.37 -3.48
CA VAL A 13 1.83 -6.79 -2.92
C VAL A 13 0.72 -5.81 -3.27
N HIS A 14 1.03 -4.51 -3.15
CA HIS A 14 0.10 -3.47 -3.53
C HIS A 14 -0.23 -3.52 -5.02
N PHE A 15 0.78 -3.80 -5.83
CA PHE A 15 0.57 -4.00 -7.26
C PHE A 15 -0.39 -5.14 -7.53
N PHE A 16 -0.21 -6.24 -6.81
CA PHE A 16 -1.10 -7.40 -6.95
C PHE A 16 -2.52 -7.06 -6.51
N LYS A 17 -2.63 -6.24 -5.47
CA LYS A 17 -3.94 -5.81 -4.97
C LYS A 17 -4.59 -4.84 -5.95
N ASN A 18 -3.78 -4.10 -6.69
CA ASN A 18 -4.28 -3.19 -7.70
C ASN A 18 -4.76 -3.94 -8.94
N ILE A 19 -4.48 -5.24 -8.98
CA ILE A 19 -4.96 -6.09 -10.07
C ILE A 19 -6.30 -6.71 -9.73
N VAL A 20 -6.43 -7.21 -8.51
CA VAL A 20 -7.61 -7.97 -8.11
C VAL A 20 -8.71 -7.05 -7.59
N THR A 21 -8.31 -5.84 -7.17
CA THR A 21 -9.27 -4.81 -6.82
C THR A 21 -8.95 -3.50 -7.55
N PRO A 22 -9.92 -2.60 -7.58
CA PRO A 22 -9.74 -1.30 -8.22
C PRO A 22 -8.52 -0.58 -7.67
N ARG A 23 -7.86 0.19 -8.52
CA ARG A 23 -6.63 0.89 -8.14
C ARG A 23 -6.79 1.56 -6.78
N THR A 24 -5.82 1.31 -5.90
CA THR A 24 -5.81 1.95 -4.58
C THR A 24 -5.17 3.33 -4.65
N PRO A 25 -5.55 4.19 -3.71
CA PRO A 25 -5.04 5.57 -3.68
C PRO A 25 -3.59 5.61 -3.24
N PRO A 26 -2.95 6.76 -3.41
CA PRO A 26 -1.59 6.98 -2.95
C PRO A 26 -1.48 6.75 -1.44
N PRO A 27 -0.27 6.48 -0.98
CA PRO A 27 -0.01 6.33 0.45
C PRO A 27 -0.54 7.53 1.23
N SER A 28 -1.02 7.28 2.44
CA SER A 28 -1.59 8.33 3.28
C SER A 28 -0.55 8.86 4.27
N GLN A 29 -0.41 10.18 4.31
CA GLN A 29 0.57 10.82 5.19
C GLN A 29 0.11 10.78 6.63
N GLY A 30 0.94 10.22 7.51
CA GLY A 30 0.68 10.21 8.94
C GLY A 30 -0.28 9.08 9.32
N LYS A 31 -0.33 8.06 8.47
CA LYS A 31 -1.21 6.92 8.71
C LYS A 31 -0.42 5.63 8.82
N GLY A 32 0.87 5.75 9.10
CA GLY A 32 1.73 4.59 9.31
C GLY A 32 2.46 4.21 8.03
N ARG A 33 2.16 4.92 6.95
CA ARG A 33 2.76 4.62 5.65
C ARG A 33 4.16 5.20 5.55
N GLY A 34 4.43 6.25 6.32
CA GLY A 34 5.76 6.85 6.38
C GLY A 34 5.96 7.85 5.25
N LEU A 35 4.86 8.27 4.63
CA LEU A 35 4.91 9.23 3.54
C LEU A 35 5.37 10.61 4.03
N SER A 36 6.46 11.10 3.48
CA SER A 36 7.00 12.41 3.86
C SER A 36 6.15 13.54 3.30
N SER A 1 -5.04 7.29 -0.84
CA SER A 1 -5.17 6.13 0.04
C SER A 1 -4.78 6.48 1.47
N GLN A 2 -5.48 5.92 2.44
CA GLN A 2 -5.20 6.16 3.84
C GLN A 2 -3.86 5.58 4.25
N HIS A 3 -2.91 6.44 4.56
CA HIS A 3 -1.58 6.01 4.98
C HIS A 3 -1.60 5.46 6.40
N GLY A 4 -1.14 4.23 6.56
CA GLY A 4 -1.14 3.57 7.86
C GLY A 4 0.20 3.74 8.56
N ARG A 5 0.54 2.79 9.43
CA ARG A 5 1.80 2.83 10.15
C ARG A 5 2.93 2.22 9.33
N THR A 6 4.12 2.79 9.48
CA THR A 6 5.28 2.32 8.71
C THR A 6 5.96 1.15 9.41
N GLN A 7 6.61 0.30 8.62
CA GLN A 7 6.58 0.42 7.16
C GLN A 7 5.33 -0.25 6.59
N ASP A 8 4.81 0.31 5.51
CA ASP A 8 3.65 -0.25 4.85
C ASP A 8 4.01 -1.49 4.04
N GLU A 9 2.99 -2.17 3.51
CA GLU A 9 3.21 -3.38 2.74
C GLU A 9 4.01 -3.10 1.48
N ASN A 10 4.61 -4.15 0.93
CA ASN A 10 5.47 -4.01 -0.24
C ASN A 10 4.70 -3.51 -1.45
N PRO A 11 5.36 -2.73 -2.30
CA PRO A 11 4.74 -2.23 -3.53
C PRO A 11 4.36 -3.38 -4.45
N VAL A 12 5.04 -4.51 -4.31
CA VAL A 12 4.70 -5.72 -5.05
C VAL A 12 3.38 -6.30 -4.58
N VAL A 13 3.17 -6.28 -3.27
CA VAL A 13 1.90 -6.71 -2.69
C VAL A 13 0.76 -5.82 -3.15
N HIS A 14 1.02 -4.52 -3.24
CA HIS A 14 0.00 -3.56 -3.66
C HIS A 14 -0.25 -3.67 -5.16
N PHE A 15 0.78 -4.07 -5.90
CA PHE A 15 0.62 -4.36 -7.32
C PHE A 15 -0.39 -5.46 -7.55
N PHE A 16 -0.24 -6.57 -6.83
CA PHE A 16 -1.21 -7.64 -6.86
C PHE A 16 -2.60 -7.13 -6.50
N LYS A 17 -2.69 -6.40 -5.39
CA LYS A 17 -3.97 -5.90 -4.91
C LYS A 17 -4.58 -4.91 -5.88
N ASN A 18 -3.72 -4.19 -6.60
CA ASN A 18 -4.17 -3.24 -7.62
C ASN A 18 -4.87 -3.96 -8.77
N ILE A 19 -4.45 -5.20 -9.03
CA ILE A 19 -5.02 -5.99 -10.11
C ILE A 19 -6.36 -6.60 -9.70
N VAL A 20 -6.41 -7.15 -8.50
CA VAL A 20 -7.55 -7.94 -8.06
C VAL A 20 -8.58 -7.07 -7.34
N THR A 21 -8.16 -5.87 -6.94
CA THR A 21 -9.04 -4.94 -6.27
C THR A 21 -9.05 -3.58 -6.96
N PRO A 22 -10.22 -3.11 -7.35
CA PRO A 22 -10.36 -1.88 -8.12
C PRO A 22 -10.04 -0.66 -7.25
N ARG A 23 -10.24 -0.80 -5.95
CA ARG A 23 -9.92 0.27 -5.01
C ARG A 23 -8.41 0.44 -4.86
N THR A 24 -7.97 1.69 -4.89
CA THR A 24 -6.54 1.99 -4.82
C THR A 24 -5.92 1.45 -3.54
N PRO A 25 -4.94 0.56 -3.69
CA PRO A 25 -4.27 -0.03 -2.54
C PRO A 25 -3.62 1.03 -1.67
N PRO A 26 -3.43 0.71 -0.39
CA PRO A 26 -2.75 1.60 0.53
C PRO A 26 -1.36 1.98 0.01
N PRO A 27 -0.80 3.06 0.56
CA PRO A 27 0.54 3.49 0.19
C PRO A 27 1.55 2.37 0.37
N SER A 28 2.58 2.36 -0.47
CA SER A 28 3.55 1.27 -0.48
C SER A 28 4.62 1.48 0.59
N GLN A 29 5.37 0.43 0.88
CA GLN A 29 6.49 0.52 1.81
C GLN A 29 7.37 1.73 1.49
N GLY A 30 7.60 2.55 2.51
CA GLY A 30 8.44 3.73 2.34
C GLY A 30 9.84 3.37 1.90
N LYS A 31 10.42 2.37 2.56
CA LYS A 31 11.75 1.88 2.20
C LYS A 31 11.76 1.27 0.80
N GLY A 32 10.65 0.64 0.43
CA GLY A 32 10.51 0.06 -0.90
C GLY A 32 10.35 1.13 -1.95
N ARG A 33 9.80 2.27 -1.56
CA ARG A 33 9.66 3.41 -2.45
C ARG A 33 10.98 4.16 -2.62
N GLY A 34 11.75 4.22 -1.54
CA GLY A 34 13.03 4.90 -1.55
C GLY A 34 13.00 6.15 -0.67
N LEU A 35 12.04 6.20 0.24
CA LEU A 35 11.89 7.33 1.15
C LEU A 35 12.33 6.96 2.57
N SER A 36 12.75 7.97 3.33
CA SER A 36 13.17 7.74 4.70
C SER A 36 13.34 9.07 5.44
N SER A 1 -15.38 -4.34 -4.02
CA SER A 1 -15.04 -3.48 -2.91
C SER A 1 -13.59 -3.00 -2.99
N GLN A 2 -13.41 -1.68 -2.94
CA GLN A 2 -12.07 -1.11 -2.99
C GLN A 2 -11.27 -1.43 -1.73
N HIS A 3 -10.07 -1.94 -1.93
CA HIS A 3 -9.15 -2.19 -0.82
C HIS A 3 -8.77 -0.88 -0.12
N GLY A 4 -8.79 -0.90 1.20
CA GLY A 4 -8.58 0.32 1.98
C GLY A 4 -7.10 0.71 1.98
N ARG A 5 -6.79 1.86 2.59
CA ARG A 5 -5.44 2.38 2.61
C ARG A 5 -4.49 1.40 3.28
N THR A 6 -3.42 1.04 2.57
CA THR A 6 -2.47 0.04 3.05
C THR A 6 -1.53 0.62 4.11
N GLN A 7 -0.92 -0.25 4.89
CA GLN A 7 -0.03 0.19 5.96
C GLN A 7 1.35 -0.44 5.82
N ASP A 8 2.29 0.32 5.27
CA ASP A 8 3.66 -0.14 5.12
C ASP A 8 3.72 -1.48 4.44
N GLU A 9 2.98 -1.63 3.34
CA GLU A 9 2.97 -2.87 2.57
C GLU A 9 3.86 -2.76 1.35
N ASN A 10 4.28 -3.91 0.81
CA ASN A 10 5.24 -3.95 -0.28
C ASN A 10 4.61 -3.45 -1.57
N PRO A 11 5.43 -2.83 -2.42
CA PRO A 11 4.96 -2.37 -3.73
C PRO A 11 4.57 -3.54 -4.62
N VAL A 12 5.14 -4.70 -4.35
CA VAL A 12 4.74 -5.93 -5.04
C VAL A 12 3.35 -6.38 -4.60
N VAL A 13 3.09 -6.28 -3.30
CA VAL A 13 1.76 -6.53 -2.78
C VAL A 13 0.74 -5.54 -3.32
N HIS A 14 1.15 -4.28 -3.42
CA HIS A 14 0.32 -3.25 -4.02
C HIS A 14 -0.03 -3.58 -5.46
N PHE A 15 0.98 -4.01 -6.23
CA PHE A 15 0.77 -4.41 -7.61
C PHE A 15 -0.30 -5.48 -7.73
N PHE A 16 -0.16 -6.54 -6.93
CA PHE A 16 -1.12 -7.63 -6.92
C PHE A 16 -2.52 -7.13 -6.57
N LYS A 17 -2.61 -6.36 -5.49
CA LYS A 17 -3.90 -5.92 -4.97
C LYS A 17 -4.56 -4.92 -5.91
N ASN A 18 -3.75 -4.20 -6.67
CA ASN A 18 -4.25 -3.22 -7.62
C ASN A 18 -4.82 -3.90 -8.86
N ILE A 19 -4.62 -5.21 -8.95
CA ILE A 19 -5.18 -5.98 -10.04
C ILE A 19 -6.47 -6.68 -9.62
N VAL A 20 -6.44 -7.33 -8.47
CA VAL A 20 -7.56 -8.13 -8.00
C VAL A 20 -8.62 -7.26 -7.34
N THR A 21 -8.21 -6.09 -6.88
CA THR A 21 -9.14 -5.09 -6.37
C THR A 21 -8.85 -3.70 -6.93
N PRO A 22 -9.81 -2.81 -6.81
CA PRO A 22 -9.63 -1.42 -7.23
C PRO A 22 -8.40 -0.81 -6.56
N ARG A 23 -7.80 0.17 -7.22
CA ARG A 23 -6.52 0.73 -6.79
C ARG A 23 -6.57 1.09 -5.30
N THR A 24 -5.66 0.51 -4.53
CA THR A 24 -5.62 0.72 -3.09
C THR A 24 -4.76 1.92 -2.72
N PRO A 25 -5.29 2.78 -1.87
CA PRO A 25 -4.56 3.96 -1.40
C PRO A 25 -3.24 3.56 -0.75
N PRO A 26 -2.19 4.31 -1.05
CA PRO A 26 -0.86 4.02 -0.52
C PRO A 26 -0.76 4.43 0.95
N PRO A 27 0.23 3.89 1.64
CA PRO A 27 0.46 4.22 3.04
C PRO A 27 0.77 5.70 3.22
N SER A 28 0.47 6.23 4.40
CA SER A 28 0.83 7.60 4.73
C SER A 28 2.30 7.70 5.15
N GLN A 29 2.78 8.93 5.28
CA GLN A 29 4.17 9.16 5.70
C GLN A 29 4.33 8.98 7.20
N GLY A 30 5.52 8.56 7.62
CA GLY A 30 5.80 8.34 9.03
C GLY A 30 5.60 6.88 9.41
N LYS A 31 5.14 6.09 8.45
CA LYS A 31 4.88 4.66 8.69
C LYS A 31 6.03 3.80 8.18
N GLY A 32 7.01 4.44 7.55
CA GLY A 32 8.16 3.74 7.01
C GLY A 32 8.07 3.61 5.50
N ARG A 33 6.94 4.02 4.93
CA ARG A 33 6.74 3.97 3.49
C ARG A 33 7.71 4.91 2.76
N GLY A 34 7.85 6.12 3.29
CA GLY A 34 8.77 7.09 2.71
C GLY A 34 10.22 6.70 2.97
N LEU A 35 10.45 5.97 4.04
CA LEU A 35 11.79 5.50 4.39
C LEU A 35 12.20 4.31 3.52
N SER A 36 11.21 3.53 3.10
CA SER A 36 11.46 2.38 2.25
C SER A 36 11.94 2.80 0.88
N SER A 1 5.38 11.98 6.87
CA SER A 1 6.78 11.94 7.32
C SER A 1 6.87 11.37 8.74
N GLN A 2 5.82 11.57 9.52
CA GLN A 2 5.82 11.15 10.92
C GLN A 2 5.78 9.63 11.03
N HIS A 3 6.37 9.10 12.10
CA HIS A 3 6.39 7.66 12.33
C HIS A 3 5.04 7.16 12.80
N GLY A 4 4.81 5.85 12.66
CA GLY A 4 3.53 5.25 13.01
C GLY A 4 3.46 4.92 14.49
N ARG A 5 4.00 3.75 14.85
CA ARG A 5 4.69 2.90 13.90
C ARG A 5 3.73 1.92 13.24
N THR A 6 3.92 1.71 11.94
CA THR A 6 3.07 0.78 11.19
C THR A 6 3.91 -0.13 10.32
N GLN A 7 3.27 -1.15 9.75
CA GLN A 7 3.95 -2.13 8.91
C GLN A 7 4.18 -1.58 7.51
N ASP A 8 5.41 -1.68 7.03
CA ASP A 8 5.73 -1.35 5.64
C ASP A 8 5.22 -2.41 4.69
N GLU A 9 4.20 -2.05 3.90
CA GLU A 9 3.61 -2.98 2.94
C GLU A 9 4.52 -3.17 1.73
N ASN A 10 4.52 -4.39 1.20
CA ASN A 10 5.30 -4.70 0.01
C ASN A 10 4.66 -4.11 -1.25
N PRO A 11 5.39 -3.25 -1.93
CA PRO A 11 4.88 -2.60 -3.13
C PRO A 11 4.39 -3.63 -4.15
N VAL A 12 5.03 -4.79 -4.15
CA VAL A 12 4.64 -5.88 -5.04
C VAL A 12 3.25 -6.38 -4.71
N VAL A 13 2.94 -6.48 -3.43
CA VAL A 13 1.63 -6.92 -2.98
C VAL A 13 0.57 -5.86 -3.26
N HIS A 14 0.96 -4.59 -3.13
CA HIS A 14 0.09 -3.49 -3.50
C HIS A 14 -0.30 -3.55 -4.97
N PHE A 15 0.69 -3.84 -5.82
CA PHE A 15 0.44 -4.06 -7.24
C PHE A 15 -0.51 -5.23 -7.45
N PHE A 16 -0.27 -6.32 -6.74
CA PHE A 16 -1.17 -7.47 -6.76
C PHE A 16 -2.59 -7.06 -6.38
N LYS A 17 -2.70 -6.25 -5.33
CA LYS A 17 -4.00 -5.76 -4.88
C LYS A 17 -4.64 -4.85 -5.92
N ASN A 18 -3.81 -4.08 -6.62
CA ASN A 18 -4.28 -3.18 -7.66
C ASN A 18 -5.00 -3.96 -8.77
N ILE A 19 -4.51 -5.16 -9.04
CA ILE A 19 -5.14 -6.04 -10.02
C ILE A 19 -6.37 -6.72 -9.44
N VAL A 20 -6.24 -7.21 -8.21
CA VAL A 20 -7.28 -8.05 -7.62
C VAL A 20 -8.26 -7.22 -6.81
N THR A 21 -7.77 -6.56 -5.76
CA THR A 21 -8.63 -5.85 -4.82
C THR A 21 -9.07 -4.51 -5.39
N PRO A 22 -10.38 -4.30 -5.45
CA PRO A 22 -10.93 -3.05 -5.96
C PRO A 22 -10.73 -1.91 -4.98
N ARG A 23 -10.46 -0.72 -5.50
CA ARG A 23 -10.30 0.47 -4.67
C ARG A 23 -9.23 0.25 -3.61
N THR A 24 -8.05 -0.16 -4.04
CA THR A 24 -6.93 -0.38 -3.13
C THR A 24 -6.22 0.93 -2.80
N PRO A 25 -6.16 1.25 -1.53
CA PRO A 25 -5.53 2.49 -1.07
C PRO A 25 -4.01 2.37 -1.11
N PRO A 26 -3.33 3.51 -1.00
CA PRO A 26 -1.87 3.52 -0.96
C PRO A 26 -1.35 2.64 0.17
N PRO A 27 -0.20 2.02 -0.05
CA PRO A 27 0.38 1.10 0.93
C PRO A 27 0.94 1.87 2.12
N SER A 28 0.75 1.32 3.31
CA SER A 28 1.30 1.90 4.53
C SER A 28 2.81 1.68 4.62
N GLN A 29 3.50 2.54 5.34
CA GLN A 29 4.95 2.58 5.32
C GLN A 29 5.54 2.19 6.67
N GLY A 30 6.86 2.07 6.73
CA GLY A 30 7.53 1.67 7.96
C GLY A 30 7.80 2.88 8.85
N LYS A 31 8.66 2.71 9.84
CA LYS A 31 8.96 3.77 10.80
C LYS A 31 9.52 5.01 10.09
N GLY A 32 8.88 6.15 10.32
CA GLY A 32 9.37 7.42 9.81
C GLY A 32 10.04 8.22 10.91
N ARG A 33 9.78 9.53 10.92
CA ARG A 33 10.32 10.41 11.94
C ARG A 33 9.34 11.52 12.30
N GLY A 34 8.84 11.50 13.53
CA GLY A 34 7.86 12.48 13.98
C GLY A 34 8.43 13.88 14.00
N LEU A 35 9.75 13.97 14.05
CA LEU A 35 10.44 15.26 14.10
C LEU A 35 10.64 15.83 12.70
N SER A 36 10.50 14.96 11.69
CA SER A 36 10.70 15.37 10.30
C SER A 36 9.55 16.24 9.82
N SER A 1 -12.84 -2.25 0.27
CA SER A 1 -11.46 -2.31 0.72
C SER A 1 -10.65 -1.14 0.15
N GLN A 2 -10.27 -0.21 1.02
CA GLN A 2 -9.48 0.94 0.61
C GLN A 2 -8.02 0.58 0.41
N HIS A 3 -7.28 1.44 -0.28
CA HIS A 3 -5.88 1.18 -0.58
C HIS A 3 -5.04 1.16 0.69
N GLY A 4 -3.99 0.34 0.69
CA GLY A 4 -3.11 0.22 1.83
C GLY A 4 -1.96 1.23 1.75
N ARG A 5 -1.15 1.27 2.80
CA ARG A 5 -0.04 2.22 2.86
C ARG A 5 1.23 1.62 2.28
N THR A 6 1.93 2.39 1.47
CA THR A 6 3.11 1.91 0.77
C THR A 6 4.23 1.57 1.75
N GLN A 7 4.32 2.35 2.84
CA GLN A 7 5.31 2.10 3.88
C GLN A 7 5.01 0.80 4.62
N ASP A 8 3.74 0.50 4.79
CA ASP A 8 3.32 -0.64 5.60
C ASP A 8 3.48 -1.95 4.82
N GLU A 9 3.11 -1.92 3.54
CA GLU A 9 3.12 -3.12 2.72
C GLU A 9 3.93 -2.92 1.46
N ASN A 10 4.48 -4.01 0.93
CA ASN A 10 5.37 -3.93 -0.23
C ASN A 10 4.62 -3.48 -1.47
N PRO A 11 5.30 -2.74 -2.34
CA PRO A 11 4.71 -2.27 -3.59
C PRO A 11 4.38 -3.44 -4.50
N VAL A 12 5.08 -4.55 -4.33
CA VAL A 12 4.77 -5.78 -5.04
C VAL A 12 3.43 -6.35 -4.58
N VAL A 13 3.18 -6.30 -3.28
CA VAL A 13 1.88 -6.69 -2.74
C VAL A 13 0.78 -5.78 -3.23
N HIS A 14 1.07 -4.48 -3.29
CA HIS A 14 0.10 -3.50 -3.78
C HIS A 14 -0.19 -3.72 -5.26
N PHE A 15 0.83 -4.10 -6.02
CA PHE A 15 0.67 -4.41 -7.43
C PHE A 15 -0.37 -5.49 -7.63
N PHE A 16 -0.23 -6.60 -6.90
CA PHE A 16 -1.22 -7.67 -6.94
C PHE A 16 -2.60 -7.16 -6.57
N LYS A 17 -2.68 -6.41 -5.47
CA LYS A 17 -3.95 -5.93 -4.95
C LYS A 17 -4.60 -4.95 -5.93
N ASN A 18 -3.78 -4.23 -6.67
CA ASN A 18 -4.26 -3.26 -7.64
C ASN A 18 -4.81 -3.94 -8.89
N ILE A 19 -4.55 -5.24 -9.01
CA ILE A 19 -5.09 -6.03 -10.10
C ILE A 19 -6.42 -6.66 -9.71
N VAL A 20 -6.47 -7.21 -8.50
CA VAL A 20 -7.65 -7.95 -8.05
C VAL A 20 -8.66 -7.02 -7.39
N THR A 21 -8.22 -5.81 -7.07
CA THR A 21 -9.10 -4.80 -6.48
C THR A 21 -9.07 -3.51 -7.30
N PRO A 22 -10.25 -3.00 -7.65
CA PRO A 22 -10.35 -1.79 -8.44
C PRO A 22 -9.95 -0.56 -7.63
N ARG A 23 -9.89 0.59 -8.30
CA ARG A 23 -9.47 1.82 -7.65
C ARG A 23 -10.39 2.18 -6.48
N THR A 24 -9.81 2.26 -5.29
CA THR A 24 -10.55 2.66 -4.10
C THR A 24 -9.86 3.79 -3.37
N PRO A 25 -10.58 4.43 -2.44
CA PRO A 25 -10.04 5.57 -1.71
C PRO A 25 -8.72 5.24 -1.06
N PRO A 26 -7.82 6.22 -1.00
CA PRO A 26 -6.50 6.03 -0.43
C PRO A 26 -6.56 5.91 1.08
N PRO A 27 -5.47 5.44 1.69
CA PRO A 27 -5.39 5.32 3.13
C PRO A 27 -5.26 6.67 3.80
N SER A 28 -5.40 6.70 5.12
CA SER A 28 -5.18 7.91 5.90
C SER A 28 -3.75 8.42 5.73
N GLN A 29 -3.58 9.73 5.80
CA GLN A 29 -2.28 10.36 5.56
C GLN A 29 -1.17 9.62 6.31
N GLY A 30 -0.20 9.11 5.56
CA GLY A 30 0.90 8.37 6.14
C GLY A 30 2.01 9.31 6.61
N LYS A 31 2.86 9.73 5.69
CA LYS A 31 2.71 9.35 4.28
C LYS A 31 3.62 8.19 3.92
N GLY A 32 3.28 7.48 2.86
CA GLY A 32 4.09 6.37 2.38
C GLY A 32 5.02 6.80 1.25
N ARG A 33 5.56 5.82 0.54
CA ARG A 33 6.46 6.11 -0.58
C ARG A 33 5.67 6.47 -1.83
N GLY A 34 4.40 6.08 -1.85
CA GLY A 34 3.49 6.49 -2.93
C GLY A 34 3.57 5.51 -4.10
N LEU A 35 3.57 4.22 -3.78
CA LEU A 35 3.58 3.18 -4.81
C LEU A 35 2.29 2.37 -4.79
N SER A 36 1.55 2.47 -3.68
CA SER A 36 0.29 1.76 -3.54
C SER A 36 -0.70 2.20 -4.61
N SER A 1 0.54 11.49 -0.17
CA SER A 1 0.16 11.10 1.19
C SER A 1 1.32 10.44 1.91
N GLN A 2 1.60 10.91 3.12
CA GLN A 2 2.63 10.32 3.96
C GLN A 2 2.18 8.98 4.53
N HIS A 3 3.01 7.96 4.37
CA HIS A 3 2.71 6.63 4.89
C HIS A 3 3.65 6.26 6.02
N GLY A 4 3.34 5.16 6.71
CA GLY A 4 4.12 4.71 7.85
C GLY A 4 5.44 4.08 7.41
N ARG A 5 6.45 4.17 8.27
CA ARG A 5 7.76 3.59 7.97
C ARG A 5 7.74 2.07 8.15
N THR A 6 6.80 1.60 8.96
CA THR A 6 6.61 0.16 9.15
C THR A 6 5.26 -0.28 8.61
N GLN A 7 4.41 0.68 8.29
CA GLN A 7 3.04 0.40 7.85
C GLN A 7 2.92 0.47 6.33
N ASP A 8 4.01 0.84 5.68
CA ASP A 8 4.06 0.87 4.22
C ASP A 8 3.92 -0.53 3.64
N GLU A 9 2.82 -0.76 2.92
CA GLU A 9 2.58 -2.06 2.29
C GLU A 9 3.61 -2.35 1.22
N ASN A 10 3.98 -3.63 1.09
CA ASN A 10 4.90 -4.06 0.04
C ASN A 10 4.41 -3.61 -1.33
N PRO A 11 5.23 -2.83 -2.03
CA PRO A 11 4.87 -2.32 -3.34
C PRO A 11 4.43 -3.44 -4.27
N VAL A 12 5.05 -4.61 -4.12
CA VAL A 12 4.73 -5.77 -4.95
C VAL A 12 3.35 -6.31 -4.61
N VAL A 13 3.07 -6.44 -3.31
CA VAL A 13 1.77 -6.91 -2.85
C VAL A 13 0.66 -5.92 -3.22
N HIS A 14 0.97 -4.64 -3.11
CA HIS A 14 0.02 -3.59 -3.45
C HIS A 14 -0.30 -3.61 -4.94
N PHE A 15 0.72 -3.84 -5.76
CA PHE A 15 0.51 -4.04 -7.20
C PHE A 15 -0.45 -5.18 -7.46
N PHE A 16 -0.25 -6.29 -6.78
CA PHE A 16 -1.17 -7.42 -6.86
C PHE A 16 -2.58 -6.99 -6.45
N LYS A 17 -2.69 -6.29 -5.34
CA LYS A 17 -3.98 -5.81 -4.86
C LYS A 17 -4.65 -4.90 -5.88
N ASN A 18 -3.84 -4.14 -6.60
CA ASN A 18 -4.35 -3.25 -7.64
C ASN A 18 -5.04 -4.04 -8.75
N ILE A 19 -4.51 -5.23 -9.03
CA ILE A 19 -5.04 -6.08 -10.10
C ILE A 19 -6.36 -6.72 -9.68
N VAL A 20 -6.38 -7.30 -8.49
CA VAL A 20 -7.51 -8.11 -8.05
C VAL A 20 -8.54 -7.26 -7.31
N THR A 21 -8.10 -6.10 -6.83
CA THR A 21 -8.99 -5.19 -6.12
C THR A 21 -8.81 -3.75 -6.61
N PRO A 22 -9.64 -3.36 -7.57
CA PRO A 22 -9.51 -2.05 -8.20
C PRO A 22 -9.60 -0.93 -7.16
N ARG A 23 -10.31 -1.21 -6.06
CA ARG A 23 -10.56 -0.19 -5.05
C ARG A 23 -9.79 -0.49 -3.77
N THR A 24 -8.62 -1.11 -3.91
CA THR A 24 -7.76 -1.41 -2.78
C THR A 24 -7.26 -0.14 -2.12
N PRO A 25 -7.21 -0.14 -0.79
CA PRO A 25 -6.72 1.00 -0.03
C PRO A 25 -5.21 1.16 -0.20
N PRO A 26 -4.73 2.39 -0.02
CA PRO A 26 -3.30 2.68 -0.17
C PRO A 26 -2.52 2.17 1.03
N PRO A 27 -1.20 2.22 0.94
CA PRO A 27 -0.33 1.83 2.04
C PRO A 27 -0.73 2.55 3.33
N SER A 28 -0.62 1.85 4.44
CA SER A 28 -1.16 2.34 5.72
C SER A 28 -0.28 3.44 6.29
N GLN A 29 -0.89 4.34 7.06
CA GLN A 29 -0.17 5.43 7.68
C GLN A 29 0.34 5.05 9.06
N GLY A 30 1.34 5.78 9.54
CA GLY A 30 1.94 5.49 10.84
C GLY A 30 1.31 6.32 11.95
N LYS A 31 2.07 6.57 13.01
CA LYS A 31 1.58 7.36 14.13
C LYS A 31 1.55 8.84 13.80
N GLY A 32 2.32 9.24 12.80
CA GLY A 32 2.37 10.62 12.36
C GLY A 32 1.17 10.95 11.47
N ARG A 33 1.13 12.20 10.99
CA ARG A 33 0.03 12.65 10.15
C ARG A 33 0.24 12.24 8.70
N GLY A 34 -0.85 12.06 7.97
CA GLY A 34 -0.79 11.74 6.55
C GLY A 34 -0.38 12.96 5.73
N LEU A 35 -0.48 14.14 6.33
CA LEU A 35 -0.09 15.37 5.66
C LEU A 35 1.31 15.79 6.06
N SER A 36 1.92 15.03 6.96
CA SER A 36 3.25 15.34 7.45
C SER A 36 4.28 15.36 6.32
N SER A 1 -7.20 -8.65 0.66
CA SER A 1 -7.67 -7.92 -0.51
C SER A 1 -7.75 -6.42 -0.23
N GLN A 2 -8.00 -6.07 1.02
CA GLN A 2 -8.07 -4.67 1.43
C GLN A 2 -6.70 -4.02 1.39
N HIS A 3 -6.61 -2.88 0.71
CA HIS A 3 -5.36 -2.15 0.59
C HIS A 3 -4.77 -1.83 1.97
N GLY A 4 -3.50 -2.19 2.15
CA GLY A 4 -2.83 -1.99 3.43
C GLY A 4 -2.14 -0.64 3.50
N ARG A 5 -1.12 -0.53 4.34
CA ARG A 5 -0.37 0.71 4.49
C ARG A 5 0.83 0.73 3.55
N THR A 6 1.12 1.91 3.01
CA THR A 6 2.21 2.06 2.05
C THR A 6 3.53 1.61 2.64
N GLN A 7 3.76 1.96 3.91
CA GLN A 7 5.02 1.64 4.58
C GLN A 7 5.09 0.16 4.94
N ASP A 8 3.97 -0.40 5.38
CA ASP A 8 3.93 -1.78 5.84
C ASP A 8 4.09 -2.76 4.68
N GLU A 9 3.31 -2.55 3.63
CA GLU A 9 3.15 -3.55 2.59
C GLU A 9 4.17 -3.35 1.47
N ASN A 10 4.51 -4.43 0.79
CA ASN A 10 5.44 -4.37 -0.33
C ASN A 10 4.79 -3.77 -1.57
N PRO A 11 5.59 -3.10 -2.39
CA PRO A 11 5.10 -2.54 -3.64
C PRO A 11 4.60 -3.63 -4.59
N VAL A 12 5.13 -4.84 -4.42
CA VAL A 12 4.63 -5.99 -5.16
C VAL A 12 3.25 -6.41 -4.67
N VAL A 13 3.05 -6.37 -3.36
CA VAL A 13 1.74 -6.62 -2.78
C VAL A 13 0.73 -5.57 -3.20
N HIS A 14 1.17 -4.32 -3.25
CA HIS A 14 0.33 -3.22 -3.72
C HIS A 14 -0.13 -3.44 -5.16
N PHE A 15 0.81 -3.81 -6.02
CA PHE A 15 0.49 -4.13 -7.40
C PHE A 15 -0.56 -5.23 -7.48
N PHE A 16 -0.29 -6.34 -6.80
CA PHE A 16 -1.21 -7.47 -6.79
C PHE A 16 -2.62 -7.04 -6.45
N LYS A 17 -2.76 -6.29 -5.35
CA LYS A 17 -4.07 -5.87 -4.88
C LYS A 17 -4.72 -4.90 -5.86
N ASN A 18 -3.90 -4.14 -6.56
CA ASN A 18 -4.39 -3.18 -7.53
C ASN A 18 -4.91 -3.88 -8.79
N ILE A 19 -4.57 -5.16 -8.93
CA ILE A 19 -5.05 -5.95 -10.05
C ILE A 19 -6.32 -6.71 -9.69
N VAL A 20 -6.33 -7.31 -8.51
CA VAL A 20 -7.42 -8.20 -8.12
C VAL A 20 -8.57 -7.44 -7.48
N THR A 21 -8.27 -6.23 -7.01
CA THR A 21 -9.31 -5.32 -6.53
C THR A 21 -9.16 -3.94 -7.17
N PRO A 22 -10.22 -3.14 -7.09
CA PRO A 22 -10.22 -1.80 -7.66
C PRO A 22 -9.04 -0.99 -7.13
N ARG A 23 -8.35 -0.30 -8.05
CA ARG A 23 -7.17 0.49 -7.68
C ARG A 23 -7.49 1.41 -6.50
N THR A 24 -6.75 1.23 -5.41
CA THR A 24 -6.97 2.01 -4.20
C THR A 24 -5.77 2.89 -3.87
N PRO A 25 -6.01 4.20 -3.82
CA PRO A 25 -4.94 5.15 -3.55
C PRO A 25 -4.23 4.83 -2.24
N PRO A 26 -2.93 4.58 -2.33
CA PRO A 26 -2.12 4.31 -1.15
C PRO A 26 -2.22 5.45 -0.15
N PRO A 27 -2.21 5.11 1.13
CA PRO A 27 -2.27 6.10 2.20
C PRO A 27 -0.96 6.89 2.29
N SER A 28 -1.05 8.11 2.83
CA SER A 28 0.13 8.95 3.00
C SER A 28 0.97 8.47 4.18
N GLN A 29 2.20 8.98 4.26
CA GLN A 29 3.13 8.59 5.32
C GLN A 29 2.76 9.24 6.65
N GLY A 30 2.94 8.49 7.73
CA GLY A 30 2.62 8.99 9.06
C GLY A 30 1.22 8.57 9.49
N LYS A 31 0.50 7.89 8.59
CA LYS A 31 -0.85 7.43 8.87
C LYS A 31 -0.83 6.02 9.45
N GLY A 32 -1.87 5.69 10.20
CA GLY A 32 -1.98 4.37 10.81
C GLY A 32 -2.40 3.32 9.80
N ARG A 33 -2.17 2.06 10.12
CA ARG A 33 -2.54 0.95 9.24
C ARG A 33 -4.05 0.83 9.11
N GLY A 34 -4.75 0.98 10.23
CA GLY A 34 -6.19 0.72 10.29
C GLY A 34 -6.96 1.71 9.42
N LEU A 35 -6.33 2.86 9.14
CA LEU A 35 -6.97 3.90 8.34
C LEU A 35 -7.18 3.44 6.90
N SER A 36 -6.32 2.53 6.45
CA SER A 36 -6.41 2.01 5.09
C SER A 36 -6.97 0.59 5.09
N SER A 1 -10.28 -4.12 1.15
CA SER A 1 -10.08 -3.03 2.09
C SER A 1 -8.89 -2.17 1.69
N GLN A 2 -8.61 -1.14 2.50
CA GLN A 2 -7.50 -0.24 2.21
C GLN A 2 -6.16 -0.93 2.39
N HIS A 3 -5.25 -0.72 1.44
CA HIS A 3 -3.92 -1.32 1.50
C HIS A 3 -3.09 -0.69 2.61
N GLY A 4 -1.95 -1.31 2.90
CA GLY A 4 -1.09 -0.84 3.98
C GLY A 4 -0.08 0.18 3.47
N ARG A 5 0.80 0.63 4.37
CA ARG A 5 1.79 1.63 4.02
C ARG A 5 2.86 1.07 3.10
N THR A 6 3.69 1.94 2.54
CA THR A 6 4.77 1.52 1.65
C THR A 6 5.80 0.67 2.40
N GLN A 7 6.02 0.99 3.66
CA GLN A 7 6.96 0.25 4.49
C GLN A 7 6.35 -1.05 5.01
N ASP A 8 5.07 -0.98 5.36
CA ASP A 8 4.38 -2.13 5.93
C ASP A 8 4.00 -3.13 4.86
N GLU A 9 3.66 -2.64 3.68
CA GLU A 9 3.25 -3.50 2.57
C GLU A 9 4.17 -3.35 1.38
N ASN A 10 4.65 -4.47 0.86
CA ASN A 10 5.54 -4.48 -0.29
C ASN A 10 4.85 -3.92 -1.53
N PRO A 11 5.59 -3.13 -2.31
CA PRO A 11 5.06 -2.56 -3.54
C PRO A 11 4.46 -3.64 -4.44
N VAL A 12 5.09 -4.81 -4.44
CA VAL A 12 4.60 -5.94 -5.23
C VAL A 12 3.21 -6.37 -4.75
N VAL A 13 3.01 -6.37 -3.45
CA VAL A 13 1.72 -6.71 -2.87
C VAL A 13 0.67 -5.66 -3.21
N HIS A 14 1.06 -4.40 -3.13
CA HIS A 14 0.20 -3.30 -3.57
C HIS A 14 -0.26 -3.50 -5.01
N PHE A 15 0.68 -3.87 -5.87
CA PHE A 15 0.36 -4.10 -7.28
C PHE A 15 -0.62 -5.25 -7.45
N PHE A 16 -0.37 -6.35 -6.74
CA PHE A 16 -1.27 -7.48 -6.76
C PHE A 16 -2.68 -7.08 -6.38
N LYS A 17 -2.81 -6.36 -5.27
CA LYS A 17 -4.12 -5.92 -4.78
C LYS A 17 -4.79 -5.00 -5.79
N ASN A 18 -4.00 -4.13 -6.41
CA ASN A 18 -4.52 -3.18 -7.39
C ASN A 18 -5.08 -3.91 -8.62
N ILE A 19 -4.52 -5.08 -8.89
CA ILE A 19 -4.96 -5.88 -10.03
C ILE A 19 -6.25 -6.62 -9.71
N VAL A 20 -6.29 -7.27 -8.55
CA VAL A 20 -7.35 -8.21 -8.22
C VAL A 20 -8.52 -7.51 -7.54
N THR A 21 -8.29 -6.27 -7.12
CA THR A 21 -9.37 -5.43 -6.59
C THR A 21 -9.59 -4.21 -7.48
N PRO A 22 -10.71 -3.53 -7.26
CA PRO A 22 -10.97 -2.25 -7.91
C PRO A 22 -9.81 -1.29 -7.70
N ARG A 23 -9.71 -0.30 -8.58
CA ARG A 23 -8.55 0.59 -8.59
C ARG A 23 -8.26 1.14 -7.20
N THR A 24 -7.07 0.86 -6.70
CA THR A 24 -6.67 1.29 -5.36
C THR A 24 -5.85 2.57 -5.41
N PRO A 25 -5.83 3.30 -4.30
CA PRO A 25 -5.03 4.51 -4.20
C PRO A 25 -3.54 4.18 -4.17
N PRO A 26 -2.71 5.19 -4.42
CA PRO A 26 -1.27 4.99 -4.49
C PRO A 26 -0.67 4.74 -3.11
N PRO A 27 0.53 4.17 -3.09
CA PRO A 27 1.21 3.89 -1.84
C PRO A 27 1.73 5.17 -1.18
N SER A 28 2.24 5.04 0.03
CA SER A 28 2.67 6.20 0.81
C SER A 28 4.02 6.72 0.33
N GLN A 29 4.40 7.89 0.82
CA GLN A 29 5.68 8.50 0.45
C GLN A 29 6.85 7.67 0.95
N GLY A 30 7.64 7.16 0.02
CA GLY A 30 8.84 6.38 0.37
C GLY A 30 10.03 7.28 0.62
N LYS A 31 10.69 7.70 -0.45
CA LYS A 31 10.27 7.34 -1.80
C LYS A 31 11.04 6.14 -2.31
N GLY A 32 10.38 5.31 -3.12
CA GLY A 32 11.00 4.12 -3.67
C GLY A 32 11.56 4.37 -5.06
N ARG A 33 11.80 3.29 -5.81
CA ARG A 33 12.33 3.40 -7.17
C ARG A 33 11.24 3.83 -8.15
N GLY A 34 10.01 3.43 -7.85
CA GLY A 34 8.87 3.75 -8.72
C GLY A 34 8.74 2.72 -9.84
N LEU A 35 9.29 1.54 -9.62
CA LEU A 35 9.25 0.48 -10.61
C LEU A 35 7.96 -0.33 -10.52
N SER A 36 7.50 -0.83 -11.66
CA SER A 36 6.27 -1.62 -11.71
C SER A 36 6.22 -2.49 -12.95
N SER A 1 7.87 8.49 9.74
CA SER A 1 7.67 7.85 11.03
C SER A 1 6.30 7.17 11.10
N GLN A 2 5.29 7.84 10.54
CA GLN A 2 3.94 7.32 10.56
C GLN A 2 3.88 5.89 10.02
N HIS A 3 4.54 5.67 8.89
CA HIS A 3 4.63 4.33 8.30
C HIS A 3 6.08 3.84 8.26
N GLY A 4 6.99 4.72 8.65
CA GLY A 4 8.41 4.36 8.71
C GLY A 4 8.70 3.51 9.93
N ARG A 5 7.88 3.65 10.96
CA ARG A 5 8.02 2.85 12.17
C ARG A 5 7.54 1.42 11.95
N THR A 6 6.65 1.24 11.00
CA THR A 6 6.09 -0.08 10.69
C THR A 6 6.99 -0.86 9.74
N GLN A 7 6.71 -2.14 9.59
CA GLN A 7 7.51 -3.01 8.75
C GLN A 7 7.42 -2.61 7.28
N ASP A 8 8.56 -2.58 6.60
CA ASP A 8 8.60 -2.26 5.18
C ASP A 8 7.77 -3.26 4.38
N GLU A 9 6.75 -2.75 3.69
CA GLU A 9 5.90 -3.59 2.84
C GLU A 9 6.43 -3.63 1.42
N ASN A 10 6.19 -4.74 0.73
CA ASN A 10 6.49 -4.85 -0.69
C ASN A 10 5.40 -4.19 -1.53
N PRO A 11 5.82 -3.32 -2.45
CA PRO A 11 4.88 -2.64 -3.33
C PRO A 11 4.23 -3.61 -4.31
N VAL A 12 4.91 -4.73 -4.55
CA VAL A 12 4.38 -5.75 -5.45
C VAL A 12 3.12 -6.38 -4.89
N VAL A 13 3.03 -6.46 -3.56
CA VAL A 13 1.83 -6.96 -2.90
C VAL A 13 0.65 -6.03 -3.14
N HIS A 14 0.91 -4.73 -3.09
CA HIS A 14 -0.12 -3.73 -3.34
C HIS A 14 -0.44 -3.61 -4.83
N PHE A 15 0.53 -4.00 -5.65
CA PHE A 15 0.30 -4.12 -7.09
C PHE A 15 -0.61 -5.29 -7.42
N PHE A 16 -0.40 -6.40 -6.73
CA PHE A 16 -1.34 -7.53 -6.79
C PHE A 16 -2.74 -7.11 -6.38
N LYS A 17 -2.83 -6.34 -5.30
CA LYS A 17 -4.10 -5.79 -4.86
C LYS A 17 -4.71 -4.88 -5.92
N ASN A 18 -3.85 -4.13 -6.60
CA ASN A 18 -4.29 -3.26 -7.69
C ASN A 18 -4.86 -4.05 -8.85
N ILE A 19 -4.31 -5.24 -9.06
CA ILE A 19 -4.76 -6.12 -10.14
C ILE A 19 -6.12 -6.72 -9.82
N VAL A 20 -6.27 -7.21 -8.60
CA VAL A 20 -7.45 -8.00 -8.24
C VAL A 20 -8.57 -7.12 -7.70
N THR A 21 -8.21 -5.89 -7.32
CA THR A 21 -9.19 -4.94 -6.82
C THR A 21 -9.19 -3.65 -7.64
N PRO A 22 -10.36 -3.31 -8.17
CA PRO A 22 -10.48 -2.15 -9.07
C PRO A 22 -10.29 -0.85 -8.31
N ARG A 23 -10.61 -0.86 -7.02
CA ARG A 23 -10.38 0.29 -6.16
C ARG A 23 -8.90 0.44 -5.82
N THR A 24 -8.41 1.67 -5.88
CA THR A 24 -7.00 1.94 -5.65
C THR A 24 -6.57 1.48 -4.26
N PRO A 25 -5.61 0.57 -4.21
CA PRO A 25 -5.11 0.05 -2.94
C PRO A 25 -4.22 1.06 -2.25
N PRO A 26 -4.05 0.89 -0.94
CA PRO A 26 -3.20 1.79 -0.16
C PRO A 26 -1.73 1.63 -0.53
N PRO A 27 -0.94 2.67 -0.30
CA PRO A 27 0.48 2.65 -0.60
C PRO A 27 1.24 1.78 0.39
N SER A 28 2.39 1.27 -0.03
CA SER A 28 3.23 0.45 0.84
C SER A 28 3.74 1.25 2.03
N GLN A 29 3.59 0.67 3.22
CA GLN A 29 4.13 1.28 4.43
C GLN A 29 5.64 1.14 4.50
N GLY A 30 6.32 2.19 4.95
CA GLY A 30 7.77 2.19 5.07
C GLY A 30 8.43 2.32 3.70
N LYS A 31 9.60 1.72 3.55
CA LYS A 31 10.34 1.78 2.29
C LYS A 31 9.59 1.10 1.16
N GLY A 32 9.52 1.77 0.01
CA GLY A 32 8.83 1.23 -1.15
C GLY A 32 7.43 1.81 -1.27
N ARG A 33 7.19 2.92 -0.58
CA ARG A 33 5.88 3.55 -0.56
C ARG A 33 5.46 3.99 -1.96
N GLY A 34 4.22 3.71 -2.33
CA GLY A 34 3.72 4.05 -3.65
C GLY A 34 3.22 5.49 -3.71
N LEU A 35 2.49 5.83 -4.77
CA LEU A 35 2.02 7.19 -4.97
C LEU A 35 0.54 7.31 -4.64
N SER A 36 -0.06 6.21 -4.19
CA SER A 36 -1.47 6.20 -3.84
C SER A 36 -1.78 7.21 -2.75
#